data_8X62
#
_entry.id   8X62
#
_cell.length_a   52.761
_cell.length_b   56.011
_cell.length_c   66.097
_cell.angle_alpha   90.0
_cell.angle_beta   112.771
_cell.angle_gamma   90.0
#
_symmetry.space_group_name_H-M   'P 1 21 1'
#
loop_
_entity.id
_entity.type
_entity.pdbx_description
1 polymer 'Induced myeloid leukemia cell differentiation protein Mcl-1'
2 non-polymer 1-[7-[1,5-dimethyl-3-(phenoxymethyl)pyrazol-4-yl]-3-(3-naphthalen-1-yloxypropyl)-1~{H}-indol-2-yl]-2,2-bis(oxidanyl)ethanone
#
_entity_poly.entity_id   1
_entity_poly.type   'polypeptide(L)'
_entity_poly.pdbx_seq_one_letter_code
;SDELYRQSLEIISRYLREQATGAKDTKPMGRSGATSRKALETLRRVGDGVQRNHETAFQGMLRKLDIKNEDDVKSLSRVM
IHVFSDGVTNWGRIVTLISFGAFVAKHLKTINQESCIEPLAESITDVLVRTKRDWLVKQRGWDGFVEFFHV
;
_entity_poly.pdbx_strand_id   A,B
#
loop_
_chem_comp.id
_chem_comp.type
_chem_comp.name
_chem_comp.formula
YO0 non-polymer 1-[7-[1,5-dimethyl-3-(phenoxymethyl)pyrazol-4-yl]-3-(3-naphthalen-1-yloxypropyl)-1~{H}-indol-2-yl]-2,2-bis(oxidanyl)ethanone 'C35 H33 N3 O5'
#
# COMPACT_ATOMS: atom_id res chain seq x y z
N SER A 1 5.51 -8.83 -1.91
CA SER A 1 4.74 -10.02 -1.57
C SER A 1 3.52 -9.65 -0.72
N ASP A 2 2.45 -9.24 -1.40
CA ASP A 2 1.21 -8.90 -0.72
C ASP A 2 0.05 -9.67 -1.34
N GLU A 3 -0.18 -10.89 -0.83
CA GLU A 3 -1.20 -11.78 -1.36
C GLU A 3 -2.58 -11.14 -1.39
N LEU A 4 -2.90 -10.39 -0.34
CA LEU A 4 -4.20 -9.72 -0.23
C LEU A 4 -4.39 -8.74 -1.38
N TYR A 5 -3.38 -7.91 -1.61
CA TYR A 5 -3.40 -6.97 -2.72
C TYR A 5 -3.49 -7.70 -4.06
N ARG A 6 -2.79 -8.82 -4.18
CA ARG A 6 -2.77 -9.59 -5.43
C ARG A 6 -4.13 -10.14 -5.79
N GLN A 7 -4.76 -10.81 -4.83
CA GLN A 7 -6.07 -11.41 -5.04
C GLN A 7 -7.12 -10.33 -5.23
N SER A 8 -7.01 -9.26 -4.45
CA SER A 8 -7.92 -8.14 -4.57
C SER A 8 -7.86 -7.53 -5.97
N LEU A 9 -6.66 -7.26 -6.45
CA LEU A 9 -6.47 -6.68 -7.78
C LEU A 9 -6.96 -7.64 -8.84
N GLU A 10 -6.77 -8.93 -8.61
CA GLU A 10 -7.23 -9.94 -9.57
C GLU A 10 -8.75 -9.88 -9.70
N ILE A 11 -9.45 -10.09 -8.60
CA ILE A 11 -10.90 -10.08 -8.57
C ILE A 11 -11.47 -8.76 -9.11
N ILE A 12 -10.93 -7.65 -8.64
CA ILE A 12 -11.43 -6.33 -9.01
C ILE A 12 -11.19 -6.02 -10.48
N SER A 13 -9.98 -6.24 -10.97
CA SER A 13 -9.67 -5.98 -12.38
C SER A 13 -10.48 -6.88 -13.30
N ARG A 14 -10.61 -8.15 -12.91
CA ARG A 14 -11.43 -9.08 -13.66
C ARG A 14 -12.88 -8.61 -13.74
N TYR A 15 -13.44 -8.18 -12.61
CA TYR A 15 -14.84 -7.74 -12.57
C TYR A 15 -15.08 -6.44 -13.34
N LEU A 16 -14.14 -5.51 -13.22
CA LEU A 16 -14.27 -4.20 -13.89
C LEU A 16 -14.08 -4.32 -15.40
N ARG A 17 -13.23 -5.24 -15.84
CA ARG A 17 -13.03 -5.43 -17.27
C ARG A 17 -14.13 -6.29 -17.88
N GLU A 18 -14.64 -7.22 -17.09
CA GLU A 18 -15.73 -8.09 -17.53
C GLU A 18 -17.05 -7.32 -17.63
N GLN A 19 -17.26 -6.40 -16.71
CA GLN A 19 -18.46 -5.56 -16.72
C GLN A 19 -18.50 -4.65 -17.94
N ALA A 20 -17.32 -4.30 -18.45
CA ALA A 20 -17.21 -3.41 -19.59
C ALA A 20 -17.24 -4.17 -20.92
N THR A 21 -16.30 -5.10 -21.09
CA THR A 21 -16.19 -5.85 -22.34
C THR A 21 -17.41 -6.75 -22.57
N GLY A 22 -18.02 -7.20 -21.48
CA GLY A 22 -19.14 -8.12 -21.55
C GLY A 22 -18.68 -9.56 -21.66
N ALA A 23 -17.36 -9.75 -21.72
CA ALA A 23 -16.78 -11.08 -21.85
C ALA A 23 -16.08 -11.50 -20.56
N LYS A 24 -15.97 -12.81 -20.37
CA LYS A 24 -15.32 -13.35 -19.18
C LYS A 24 -13.87 -13.71 -19.44
N ASP A 25 -12.97 -13.13 -18.64
CA ASP A 25 -11.56 -13.45 -18.75
C ASP A 25 -11.31 -14.87 -18.26
N THR A 26 -11.38 -15.82 -19.18
CA THR A 26 -11.29 -17.24 -18.85
C THR A 26 -9.86 -17.68 -18.51
N LYS A 27 -8.94 -16.73 -18.48
CA LYS A 27 -7.55 -16.98 -18.09
C LYS A 27 -7.50 -17.56 -16.69
N PRO A 28 -6.53 -18.46 -16.43
CA PRO A 28 -6.44 -19.17 -15.15
C PRO A 28 -6.20 -18.24 -13.94
N MET A 29 -6.94 -18.48 -12.87
CA MET A 29 -6.80 -17.73 -11.63
C MET A 29 -5.49 -18.10 -10.92
N GLY A 30 -4.98 -17.17 -10.12
CA GLY A 30 -3.78 -17.42 -9.35
C GLY A 30 -4.05 -18.26 -8.12
N ARG A 31 -3.34 -17.95 -7.03
CA ARG A 31 -3.52 -18.66 -5.77
C ARG A 31 -4.92 -18.44 -5.22
N SER A 32 -5.41 -19.41 -4.45
CA SER A 32 -6.78 -19.41 -3.93
C SER A 32 -7.79 -19.07 -5.03
N GLY A 33 -7.62 -19.70 -6.19
CA GLY A 33 -8.44 -19.44 -7.36
C GLY A 33 -9.91 -19.75 -7.15
N ALA A 34 -10.19 -20.66 -6.23
CA ALA A 34 -11.55 -21.00 -5.86
C ALA A 34 -12.21 -19.81 -5.17
N THR A 35 -11.51 -19.26 -4.17
CA THR A 35 -12.00 -18.09 -3.44
C THR A 35 -12.18 -16.91 -4.37
N SER A 36 -11.21 -16.71 -5.26
CA SER A 36 -11.27 -15.63 -6.24
C SER A 36 -12.48 -15.79 -7.16
N ARG A 37 -12.71 -17.01 -7.63
CA ARG A 37 -13.83 -17.29 -8.53
C ARG A 37 -15.17 -17.02 -7.84
N LYS A 38 -15.34 -17.61 -6.66
CA LYS A 38 -16.57 -17.42 -5.88
C LYS A 38 -16.80 -15.94 -5.60
N ALA A 39 -15.71 -15.23 -5.28
CA ALA A 39 -15.76 -13.80 -5.03
C ALA A 39 -16.21 -13.06 -6.28
N LEU A 40 -15.79 -13.54 -7.44
CA LEU A 40 -16.16 -12.92 -8.70
C LEU A 40 -17.65 -13.13 -8.98
N GLU A 41 -18.16 -14.30 -8.63
CA GLU A 41 -19.58 -14.59 -8.80
C GLU A 41 -20.43 -13.70 -7.88
N THR A 42 -20.03 -13.66 -6.61
CA THR A 42 -20.67 -12.81 -5.62
C THR A 42 -20.72 -11.37 -6.08
N LEU A 43 -19.58 -10.89 -6.57
CA LEU A 43 -19.47 -9.52 -7.08
C LEU A 43 -20.33 -9.32 -8.31
N ARG A 44 -20.50 -10.37 -9.11
CA ARG A 44 -21.37 -10.30 -10.28
C ARG A 44 -22.79 -10.01 -9.82
N ARG A 45 -23.35 -10.94 -9.05
CA ARG A 45 -24.73 -10.81 -8.57
C ARG A 45 -24.94 -9.53 -7.76
N VAL A 46 -24.34 -9.49 -6.58
CA VAL A 46 -24.50 -8.39 -5.64
C VAL A 46 -24.11 -7.05 -6.26
N GLY A 47 -22.99 -7.04 -6.98
CA GLY A 47 -22.51 -5.83 -7.63
C GLY A 47 -23.47 -5.27 -8.66
N ASP A 48 -23.95 -6.12 -9.57
CA ASP A 48 -24.91 -5.67 -10.57
C ASP A 48 -26.17 -5.17 -9.90
N GLY A 49 -26.59 -5.87 -8.85
CA GLY A 49 -27.72 -5.43 -8.05
C GLY A 49 -27.53 -4.02 -7.51
N VAL A 50 -26.35 -3.73 -6.98
CA VAL A 50 -26.04 -2.42 -6.43
C VAL A 50 -26.05 -1.37 -7.53
N GLN A 51 -25.48 -1.72 -8.67
CA GLN A 51 -25.45 -0.80 -9.81
C GLN A 51 -26.85 -0.49 -10.30
N ARG A 52 -27.78 -1.42 -10.10
CA ARG A 52 -29.16 -1.19 -10.49
C ARG A 52 -29.96 -0.45 -9.42
N ASN A 53 -29.53 -0.55 -8.17
CA ASN A 53 -30.26 0.10 -7.08
C ASN A 53 -29.75 1.51 -6.77
N HIS A 54 -28.65 1.89 -7.41
CA HIS A 54 -28.07 3.22 -7.21
C HIS A 54 -27.61 3.83 -8.52
N GLU A 55 -28.45 3.73 -9.55
CA GLU A 55 -28.11 4.23 -10.87
C GLU A 55 -27.91 5.76 -10.87
N THR A 56 -28.86 6.45 -10.23
CA THR A 56 -28.82 7.91 -10.17
C THR A 56 -27.58 8.44 -9.47
N ALA A 57 -27.27 7.84 -8.31
CA ALA A 57 -26.13 8.26 -7.51
C ALA A 57 -24.80 8.04 -8.25
N PHE A 58 -24.67 6.89 -8.88
CA PHE A 58 -23.46 6.58 -9.64
C PHE A 58 -23.33 7.52 -10.85
N GLN A 59 -24.46 7.81 -11.50
CA GLN A 59 -24.47 8.71 -12.65
C GLN A 59 -24.05 10.13 -12.26
N GLY A 60 -24.61 10.63 -11.17
CA GLY A 60 -24.29 11.96 -10.68
C GLY A 60 -22.85 12.07 -10.21
N MET A 61 -22.38 11.05 -9.52
CA MET A 61 -21.00 11.00 -9.06
C MET A 61 -20.03 11.01 -10.24
N LEU A 62 -20.35 10.21 -11.25
CA LEU A 62 -19.53 10.12 -12.45
C LEU A 62 -19.51 11.46 -13.20
N ARG A 63 -20.66 12.12 -13.20
CA ARG A 63 -20.78 13.45 -13.81
C ARG A 63 -19.93 14.47 -13.05
N LYS A 64 -19.86 14.31 -11.73
CA LYS A 64 -19.15 15.26 -10.88
C LYS A 64 -17.63 15.07 -10.91
N LEU A 65 -17.20 13.82 -11.07
CA LEU A 65 -15.78 13.50 -11.09
C LEU A 65 -15.11 13.97 -12.36
N ASP A 66 -15.87 13.97 -13.45
CA ASP A 66 -15.41 14.44 -14.75
C ASP A 66 -14.14 13.71 -15.19
N ILE A 67 -14.27 12.41 -15.43
CA ILE A 67 -13.13 11.57 -15.77
C ILE A 67 -13.03 11.41 -17.29
N LYS A 68 -12.09 12.14 -17.88
CA LYS A 68 -11.98 12.18 -19.34
C LYS A 68 -10.68 11.56 -19.83
N ASN A 69 -9.72 11.41 -18.92
CA ASN A 69 -8.40 10.91 -19.30
C ASN A 69 -7.73 10.17 -18.16
N GLU A 70 -6.51 9.69 -18.42
CA GLU A 70 -5.78 8.90 -17.44
C GLU A 70 -5.35 9.73 -16.23
N ASP A 71 -5.03 11.00 -16.45
CA ASP A 71 -4.60 11.87 -15.37
C ASP A 71 -5.72 12.07 -14.36
N ASP A 72 -6.96 12.08 -14.85
CA ASP A 72 -8.13 12.18 -13.99
C ASP A 72 -8.29 10.89 -13.17
N VAL A 73 -8.07 9.76 -13.83
CA VAL A 73 -8.12 8.46 -13.17
C VAL A 73 -7.04 8.36 -12.10
N LYS A 74 -5.97 9.13 -12.29
CA LYS A 74 -4.91 9.19 -11.29
C LYS A 74 -5.31 10.10 -10.13
N SER A 75 -6.01 11.18 -10.47
CA SER A 75 -6.36 12.20 -9.48
C SER A 75 -7.54 11.80 -8.59
N LEU A 76 -8.38 10.88 -9.05
CA LEU A 76 -9.57 10.52 -8.29
C LEU A 76 -9.25 9.73 -7.02
N SER A 77 -7.97 9.44 -6.81
CA SER A 77 -7.51 8.72 -5.63
C SER A 77 -7.90 9.42 -4.33
N ARG A 78 -7.66 10.73 -4.27
CA ARG A 78 -7.93 11.51 -3.06
C ARG A 78 -9.41 11.52 -2.70
N VAL A 79 -10.25 11.91 -3.66
CA VAL A 79 -11.69 11.95 -3.43
C VAL A 79 -12.24 10.56 -3.10
N MET A 80 -11.75 9.54 -3.81
CA MET A 80 -12.15 8.17 -3.52
C MET A 80 -11.85 7.83 -2.07
N ILE A 81 -10.63 8.15 -1.64
CA ILE A 81 -10.19 7.92 -0.27
C ILE A 81 -11.08 8.65 0.73
N HIS A 82 -11.45 9.87 0.41
CA HIS A 82 -12.27 10.69 1.31
C HIS A 82 -13.67 10.12 1.46
N VAL A 83 -14.34 9.85 0.35
CA VAL A 83 -15.71 9.36 0.38
C VAL A 83 -15.82 7.94 0.94
N PHE A 84 -14.84 7.09 0.61
CA PHE A 84 -14.88 5.69 1.05
C PHE A 84 -14.55 5.53 2.53
N SER A 85 -13.52 6.23 2.99
CA SER A 85 -13.12 6.13 4.41
C SER A 85 -14.08 6.92 5.30
N ASP A 86 -15.35 6.53 5.28
CA ASP A 86 -16.36 7.16 6.12
C ASP A 86 -16.27 6.64 7.56
N GLY A 87 -15.28 5.79 7.81
CA GLY A 87 -15.10 5.21 9.13
C GLY A 87 -15.93 3.96 9.31
N VAL A 88 -17.07 3.93 8.63
CA VAL A 88 -17.98 2.79 8.70
C VAL A 88 -17.54 1.74 7.69
N THR A 89 -16.93 0.66 8.20
CA THR A 89 -16.39 -0.37 7.34
C THR A 89 -17.28 -1.61 7.31
N ASN A 90 -18.12 -1.69 6.28
CA ASN A 90 -18.95 -2.87 6.06
C ASN A 90 -18.75 -3.38 4.64
N TRP A 91 -19.11 -4.64 4.41
CA TRP A 91 -18.93 -5.27 3.11
C TRP A 91 -19.76 -4.57 2.03
N GLY A 92 -20.87 -3.96 2.43
CA GLY A 92 -21.70 -3.19 1.52
C GLY A 92 -20.95 -1.99 0.97
N ARG A 93 -20.09 -1.40 1.79
CA ARG A 93 -19.25 -0.28 1.37
C ARG A 93 -18.28 -0.73 0.28
N ILE A 94 -17.61 -1.85 0.53
CA ILE A 94 -16.67 -2.44 -0.43
C ILE A 94 -17.37 -2.73 -1.76
N VAL A 95 -18.49 -3.46 -1.68
CA VAL A 95 -19.24 -3.83 -2.88
C VAL A 95 -19.70 -2.58 -3.63
N THR A 96 -20.09 -1.54 -2.89
CA THR A 96 -20.46 -0.27 -3.52
C THR A 96 -19.27 0.33 -4.27
N LEU A 97 -18.11 0.29 -3.64
CA LEU A 97 -16.87 0.80 -4.23
C LEU A 97 -16.55 0.10 -5.54
N ILE A 98 -16.57 -1.23 -5.52
CA ILE A 98 -16.20 -2.01 -6.70
C ILE A 98 -17.28 -1.89 -7.79
N SER A 99 -18.52 -1.73 -7.37
CA SER A 99 -19.62 -1.59 -8.33
C SER A 99 -19.57 -0.25 -9.04
N PHE A 100 -19.27 0.81 -8.30
CA PHE A 100 -19.09 2.10 -8.94
C PHE A 100 -17.83 2.06 -9.78
N GLY A 101 -16.87 1.24 -9.37
CA GLY A 101 -15.69 1.00 -10.18
C GLY A 101 -16.08 0.43 -11.53
N ALA A 102 -17.03 -0.50 -11.51
CA ALA A 102 -17.49 -1.16 -12.73
C ALA A 102 -18.30 -0.21 -13.60
N PHE A 103 -19.10 0.63 -12.96
CA PHE A 103 -19.87 1.66 -13.65
C PHE A 103 -18.92 2.61 -14.40
N VAL A 104 -17.94 3.11 -13.66
CA VAL A 104 -16.91 3.99 -14.21
C VAL A 104 -16.17 3.31 -15.35
N ALA A 105 -15.89 2.02 -15.21
CA ALA A 105 -15.20 1.27 -16.25
C ALA A 105 -16.05 1.19 -17.52
N LYS A 106 -17.35 0.96 -17.34
CA LYS A 106 -18.30 0.94 -18.45
C LYS A 106 -18.28 2.25 -19.20
N HIS A 107 -18.33 3.35 -18.45
CA HIS A 107 -18.25 4.68 -19.06
C HIS A 107 -16.91 4.88 -19.77
N LEU A 108 -15.84 4.36 -19.17
CA LEU A 108 -14.49 4.50 -19.73
C LEU A 108 -14.34 3.66 -20.98
N LYS A 109 -15.26 2.73 -21.19
CA LYS A 109 -15.27 1.94 -22.42
C LYS A 109 -16.19 2.59 -23.45
N THR A 110 -17.19 3.32 -22.95
CA THR A 110 -18.09 4.08 -23.82
C THR A 110 -17.30 5.18 -24.50
N ILE A 111 -16.66 6.03 -23.71
CA ILE A 111 -15.64 6.92 -24.25
C ILE A 111 -14.46 6.03 -24.63
N ASN A 112 -13.71 6.42 -25.65
CA ASN A 112 -12.61 5.60 -26.14
C ASN A 112 -11.43 5.60 -25.16
N GLN A 113 -11.55 4.84 -24.09
CA GLN A 113 -10.56 4.89 -23.01
C GLN A 113 -10.50 3.61 -22.18
N GLU A 114 -10.41 2.46 -22.86
CA GLU A 114 -10.26 1.18 -22.15
C GLU A 114 -8.89 1.14 -21.49
N SER A 115 -7.96 1.92 -22.04
CA SER A 115 -6.61 2.04 -21.51
C SER A 115 -6.56 2.51 -20.05
N CYS A 116 -7.67 3.04 -19.56
CA CYS A 116 -7.72 3.54 -18.19
C CYS A 116 -8.44 2.58 -17.23
N ILE A 117 -9.02 1.51 -17.77
CA ILE A 117 -9.77 0.56 -16.94
C ILE A 117 -8.84 -0.18 -15.96
N GLU A 118 -7.64 -0.53 -16.42
CA GLU A 118 -6.70 -1.25 -15.57
C GLU A 118 -6.09 -0.40 -14.44
N PRO A 119 -5.59 0.82 -14.75
CA PRO A 119 -5.04 1.59 -13.63
C PRO A 119 -6.08 1.92 -12.57
N LEU A 120 -7.27 2.31 -13.00
CA LEU A 120 -8.39 2.57 -12.12
C LEU A 120 -8.54 1.48 -11.06
N ALA A 121 -8.67 0.25 -11.53
CA ALA A 121 -8.77 -0.93 -10.67
C ALA A 121 -7.69 -0.89 -9.60
N GLU A 122 -6.45 -0.72 -10.02
CA GLU A 122 -5.32 -0.64 -9.09
C GLU A 122 -5.60 0.39 -8.00
N SER A 123 -5.96 1.60 -8.41
CA SER A 123 -6.30 2.66 -7.47
C SER A 123 -7.31 2.14 -6.46
N ILE A 124 -8.41 1.59 -6.97
CA ILE A 124 -9.45 1.03 -6.11
C ILE A 124 -8.82 0.06 -5.13
N THR A 125 -8.09 -0.92 -5.67
CA THR A 125 -7.41 -1.91 -4.86
C THR A 125 -6.51 -1.21 -3.85
N ASP A 126 -5.71 -0.27 -4.36
CA ASP A 126 -4.74 0.44 -3.54
C ASP A 126 -5.42 1.12 -2.37
N VAL A 127 -6.66 1.54 -2.56
CA VAL A 127 -7.40 2.15 -1.45
C VAL A 127 -7.85 1.07 -0.49
N LEU A 128 -8.55 0.08 -1.01
CA LEU A 128 -9.22 -0.93 -0.19
C LEU A 128 -8.21 -1.70 0.67
N VAL A 129 -7.04 -1.93 0.11
CA VAL A 129 -5.99 -2.67 0.80
C VAL A 129 -5.25 -1.78 1.81
N ARG A 130 -5.21 -0.47 1.58
CA ARG A 130 -4.50 0.43 2.49
C ARG A 130 -5.39 0.95 3.62
N THR A 131 -6.58 1.42 3.27
CA THR A 131 -7.46 2.03 4.25
C THR A 131 -8.08 1.01 5.20
N LYS A 132 -8.48 -0.14 4.65
CA LYS A 132 -9.20 -1.13 5.44
C LYS A 132 -8.47 -2.47 5.53
N ARG A 133 -7.15 -2.43 5.67
CA ARG A 133 -6.36 -3.66 5.69
C ARG A 133 -6.66 -4.56 6.88
N ASP A 134 -6.35 -4.08 8.08
CA ASP A 134 -6.50 -4.88 9.29
C ASP A 134 -7.91 -5.40 9.44
N TRP A 135 -8.88 -4.58 9.06
CA TRP A 135 -10.27 -4.99 9.03
C TRP A 135 -10.45 -6.22 8.13
N LEU A 136 -9.98 -6.12 6.89
CA LEU A 136 -10.08 -7.22 5.92
C LEU A 136 -9.42 -8.48 6.45
N VAL A 137 -8.29 -8.31 7.15
CA VAL A 137 -7.59 -9.43 7.74
C VAL A 137 -8.43 -10.10 8.83
N LYS A 138 -9.12 -9.27 9.62
CA LYS A 138 -9.96 -9.77 10.71
C LYS A 138 -11.23 -10.47 10.23
N GLN A 139 -11.69 -10.12 9.03
CA GLN A 139 -12.91 -10.71 8.49
C GLN A 139 -12.61 -11.90 7.58
N ARG A 140 -11.44 -12.50 7.78
CA ARG A 140 -10.98 -13.64 6.99
C ARG A 140 -10.94 -13.34 5.49
N GLY A 141 -10.80 -12.06 5.16
CA GLY A 141 -10.66 -11.64 3.77
C GLY A 141 -11.82 -12.03 2.87
N TRP A 142 -11.51 -12.37 1.63
CA TRP A 142 -12.53 -12.67 0.63
C TRP A 142 -13.34 -13.91 1.02
N ASP A 143 -12.71 -14.82 1.74
CA ASP A 143 -13.40 -15.98 2.26
C ASP A 143 -14.60 -15.56 3.10
N GLY A 144 -14.42 -14.49 3.86
CA GLY A 144 -15.51 -13.92 4.62
C GLY A 144 -16.50 -13.26 3.68
N PHE A 145 -15.97 -12.48 2.74
CA PHE A 145 -16.77 -11.76 1.75
C PHE A 145 -17.83 -12.68 1.15
N VAL A 146 -17.38 -13.75 0.49
CA VAL A 146 -18.27 -14.77 -0.04
C VAL A 146 -19.22 -15.26 1.04
N GLU A 147 -18.67 -15.71 2.16
CA GLU A 147 -19.46 -16.26 3.26
C GLU A 147 -20.46 -15.24 3.79
N PHE A 148 -20.21 -13.96 3.54
CA PHE A 148 -21.11 -12.92 4.01
C PHE A 148 -22.34 -12.80 3.12
N PHE A 149 -22.16 -13.00 1.81
CA PHE A 149 -23.24 -12.81 0.86
C PHE A 149 -23.89 -14.11 0.42
N HIS A 150 -23.63 -15.17 1.17
CA HIS A 150 -24.28 -16.45 0.91
C HIS A 150 -25.78 -16.33 1.20
N VAL A 151 -26.60 -16.89 0.32
CA VAL A 151 -28.04 -16.82 0.48
C VAL A 151 -28.62 -18.17 0.91
N SER B 1 -7.44 -0.16 8.88
CA SER B 1 -6.17 0.56 8.97
C SER B 1 -5.00 -0.37 8.70
N ASP B 2 -3.79 0.14 8.90
CA ASP B 2 -2.58 -0.64 8.68
C ASP B 2 -1.58 -0.38 9.79
N GLU B 3 -1.66 -1.16 10.86
CA GLU B 3 -0.78 -0.98 12.01
C GLU B 3 0.67 -1.24 11.66
N LEU B 4 0.92 -2.17 10.75
CA LEU B 4 2.28 -2.47 10.33
C LEU B 4 2.91 -1.24 9.68
N TYR B 5 2.18 -0.63 8.75
CA TYR B 5 2.63 0.59 8.10
C TYR B 5 2.85 1.71 9.12
N ARG B 6 1.96 1.82 10.10
CA ARG B 6 2.03 2.89 11.10
C ARG B 6 3.26 2.76 11.99
N GLN B 7 3.45 1.58 12.57
CA GLN B 7 4.58 1.31 13.43
C GLN B 7 5.90 1.42 12.66
N SER B 8 5.94 0.85 11.47
CA SER B 8 7.13 0.92 10.62
C SER B 8 7.49 2.36 10.31
N LEU B 9 6.47 3.15 9.95
CA LEU B 9 6.68 4.55 9.61
C LEU B 9 7.18 5.31 10.82
N GLU B 10 6.64 5.00 11.99
CA GLU B 10 7.06 5.68 13.21
C GLU B 10 8.53 5.39 13.51
N ILE B 11 8.89 4.12 13.51
CA ILE B 11 10.26 3.71 13.78
C ILE B 11 11.25 4.30 12.78
N ILE B 12 10.95 4.13 11.50
CA ILE B 12 11.82 4.61 10.43
C ILE B 12 11.97 6.13 10.48
N SER B 13 10.86 6.84 10.53
CA SER B 13 10.89 8.31 10.56
C SER B 13 11.63 8.82 11.79
N ARG B 14 11.46 8.15 12.93
CA ARG B 14 12.15 8.59 14.14
C ARG B 14 13.64 8.29 14.10
N TYR B 15 14.03 7.19 13.45
CA TYR B 15 15.45 6.89 13.33
C TYR B 15 16.11 7.89 12.39
N LEU B 16 15.52 8.09 11.23
CA LEU B 16 16.01 9.07 10.26
C LEU B 16 16.09 10.45 10.90
N ARG B 17 15.08 10.80 11.69
CA ARG B 17 15.03 12.07 12.38
C ARG B 17 16.16 12.22 13.39
N GLU B 18 16.21 11.32 14.36
CA GLU B 18 17.21 11.36 15.43
C GLU B 18 18.63 11.35 14.87
N GLN B 19 18.82 10.64 13.75
CA GLN B 19 20.12 10.60 13.10
C GLN B 19 20.44 11.91 12.38
N ALA B 20 19.42 12.52 11.77
CA ALA B 20 19.63 13.73 10.99
C ALA B 20 19.81 14.98 11.85
N THR B 21 19.18 14.98 13.02
CA THR B 21 19.17 16.17 13.89
C THR B 21 20.09 16.00 15.10
N GLY B 22 20.07 14.82 15.70
CA GLY B 22 20.83 14.57 16.91
C GLY B 22 19.93 14.60 18.14
N ALA B 23 18.74 15.17 17.97
CA ALA B 23 17.77 15.25 19.05
C ALA B 23 16.76 14.10 18.95
N LYS B 24 16.04 13.86 20.03
CA LYS B 24 15.06 12.78 20.06
C LYS B 24 13.64 13.32 20.19
N ASP B 25 12.69 12.56 19.68
CA ASP B 25 11.28 12.91 19.80
C ASP B 25 10.73 12.30 21.09
N THR B 26 10.84 13.05 22.19
CA THR B 26 10.48 12.55 23.52
C THR B 26 9.01 12.18 23.64
N LYS B 27 8.20 12.61 22.68
CA LYS B 27 6.80 12.23 22.61
C LYS B 27 6.66 10.72 22.54
N PRO B 28 5.82 10.15 23.42
CA PRO B 28 5.66 8.69 23.55
C PRO B 28 5.17 8.04 22.27
N MET B 29 5.54 6.77 22.09
CA MET B 29 5.17 6.00 20.92
C MET B 29 3.67 5.67 20.93
N GLY B 30 3.20 5.10 19.82
CA GLY B 30 1.80 4.70 19.72
C GLY B 30 1.56 3.34 20.34
N ARG B 31 0.67 2.57 19.72
CA ARG B 31 0.36 1.22 20.20
C ARG B 31 1.57 0.30 20.04
N SER B 32 1.69 -0.66 20.96
CA SER B 32 2.83 -1.58 21.01
C SER B 32 4.15 -0.82 21.05
N GLY B 33 4.15 0.30 21.75
CA GLY B 33 5.32 1.17 21.83
C GLY B 33 6.51 0.53 22.50
N ALA B 34 6.23 -0.44 23.36
CA ALA B 34 7.29 -1.20 24.03
C ALA B 34 8.21 -1.88 23.02
N THR B 35 7.62 -2.35 21.93
CA THR B 35 8.38 -3.01 20.88
C THR B 35 9.05 -2.00 19.97
N SER B 36 8.36 -0.88 19.74
CA SER B 36 8.87 0.15 18.84
C SER B 36 10.11 0.83 19.40
N ARG B 37 10.12 1.07 20.71
CA ARG B 37 11.27 1.67 21.37
C ARG B 37 12.50 0.80 21.22
N LYS B 38 12.35 -0.48 21.55
CA LYS B 38 13.43 -1.45 21.43
C LYS B 38 13.88 -1.59 19.98
N ALA B 39 12.93 -1.46 19.06
CA ALA B 39 13.24 -1.48 17.64
C ALA B 39 14.11 -0.28 17.29
N LEU B 40 13.83 0.86 17.91
CA LEU B 40 14.61 2.07 17.65
C LEU B 40 16.02 1.96 18.24
N GLU B 41 16.14 1.35 19.41
CA GLU B 41 17.44 1.17 20.07
C GLU B 41 18.32 0.20 19.27
N THR B 42 17.73 -0.94 18.93
CA THR B 42 18.37 -1.91 18.06
C THR B 42 18.84 -1.26 16.76
N LEU B 43 17.93 -0.50 16.15
CA LEU B 43 18.22 0.22 14.91
C LEU B 43 19.37 1.20 15.07
N ARG B 44 19.45 1.83 16.25
CA ARG B 44 20.57 2.71 16.55
C ARG B 44 21.85 1.91 16.49
N ARG B 45 21.92 0.85 17.28
CA ARG B 45 23.11 -0.02 17.30
C ARG B 45 23.53 -0.52 15.91
N VAL B 46 22.79 -1.51 15.42
CA VAL B 46 23.18 -2.21 14.20
C VAL B 46 23.15 -1.28 12.99
N GLY B 47 22.28 -0.27 13.02
CA GLY B 47 22.18 0.68 11.92
C GLY B 47 23.38 1.59 11.81
N ASP B 48 23.77 2.18 12.93
CA ASP B 48 24.97 3.03 12.95
C ASP B 48 26.18 2.19 12.56
N GLY B 49 26.21 0.94 13.01
CA GLY B 49 27.26 0.03 12.60
C GLY B 49 27.31 -0.12 11.08
N VAL B 50 26.17 -0.46 10.50
CA VAL B 50 26.02 -0.65 9.06
C VAL B 50 26.48 0.57 8.26
N GLN B 51 26.01 1.74 8.66
CA GLN B 51 26.42 2.98 8.02
C GLN B 51 27.94 3.17 8.11
N ARG B 52 28.45 2.99 9.33
CA ARG B 52 29.87 3.16 9.61
C ARG B 52 30.72 2.10 8.92
N ASN B 53 30.08 1.13 8.29
CA ASN B 53 30.81 0.12 7.51
C ASN B 53 30.55 0.19 6.00
N HIS B 54 29.50 0.90 5.59
CA HIS B 54 29.12 0.97 4.17
C HIS B 54 29.09 2.41 3.64
N GLU B 55 29.75 3.31 4.37
CA GLU B 55 29.87 4.71 3.98
C GLU B 55 30.18 4.96 2.50
N THR B 56 31.11 4.18 1.95
CA THR B 56 31.56 4.38 0.57
C THR B 56 30.46 4.06 -0.45
N ALA B 57 29.92 2.86 -0.37
CA ALA B 57 28.84 2.43 -1.26
C ALA B 57 27.64 3.35 -1.12
N PHE B 58 27.34 3.76 0.11
CA PHE B 58 26.29 4.72 0.37
C PHE B 58 26.57 6.03 -0.36
N GLN B 59 27.82 6.46 -0.32
CA GLN B 59 28.22 7.71 -0.95
C GLN B 59 28.12 7.60 -2.47
N GLY B 60 28.26 6.38 -2.98
CA GLY B 60 28.14 6.12 -4.39
C GLY B 60 26.70 6.11 -4.88
N MET B 61 25.79 5.58 -4.04
CA MET B 61 24.39 5.44 -4.44
C MET B 61 23.67 6.78 -4.57
N LEU B 62 24.06 7.76 -3.76
CA LEU B 62 23.36 9.04 -3.72
C LEU B 62 23.73 9.94 -4.89
N ARG B 63 24.76 9.53 -5.64
CA ARG B 63 25.21 10.30 -6.79
C ARG B 63 24.17 10.32 -7.91
N LYS B 64 23.46 9.21 -8.08
CA LYS B 64 22.39 9.14 -9.06
C LYS B 64 21.06 9.58 -8.45
N ASN B 69 16.85 19.34 -3.47
CA ASN B 69 16.20 18.65 -4.59
C ASN B 69 14.94 17.92 -4.15
N GLU B 70 13.93 18.68 -3.74
CA GLU B 70 12.68 18.12 -3.25
C GLU B 70 11.84 17.46 -4.35
N ASP B 71 12.27 17.63 -5.59
CA ASP B 71 11.52 17.10 -6.73
C ASP B 71 11.94 15.68 -7.08
N ASP B 72 13.02 15.21 -6.45
CA ASP B 72 13.56 13.89 -6.76
C ASP B 72 13.38 12.91 -5.60
N VAL B 73 12.86 13.40 -4.48
CA VAL B 73 12.65 12.56 -3.31
C VAL B 73 11.53 11.56 -3.58
N LYS B 74 10.61 11.92 -4.46
CA LYS B 74 9.53 11.02 -4.85
C LYS B 74 9.95 10.17 -6.05
N SER B 75 11.22 10.27 -6.43
CA SER B 75 11.75 9.58 -7.60
C SER B 75 12.67 8.42 -7.21
N LEU B 76 13.22 8.51 -6.00
CA LEU B 76 14.14 7.48 -5.50
C LEU B 76 13.41 6.15 -5.30
N SER B 77 12.09 6.22 -5.28
CA SER B 77 11.22 5.06 -5.11
C SER B 77 11.57 3.89 -6.03
N ARG B 78 11.68 4.15 -7.31
CA ARG B 78 11.92 3.11 -8.30
C ARG B 78 13.25 2.38 -8.08
N VAL B 79 14.31 3.15 -8.01
CA VAL B 79 15.65 2.58 -7.85
C VAL B 79 15.78 1.89 -6.50
N MET B 80 15.07 2.39 -5.49
CA MET B 80 15.08 1.78 -4.17
C MET B 80 14.37 0.44 -4.21
N ILE B 81 13.23 0.38 -4.91
CA ILE B 81 12.51 -0.87 -5.09
C ILE B 81 13.38 -1.90 -5.81
N HIS B 82 13.99 -1.48 -6.90
CA HIS B 82 14.84 -2.37 -7.69
C HIS B 82 16.00 -2.93 -6.87
N VAL B 83 16.76 -2.04 -6.24
CA VAL B 83 17.92 -2.45 -5.45
C VAL B 83 17.52 -3.27 -4.23
N PHE B 84 16.36 -2.98 -3.66
CA PHE B 84 15.88 -3.70 -2.49
C PHE B 84 15.45 -5.11 -2.86
N SER B 85 14.81 -5.27 -4.03
CA SER B 85 14.42 -6.59 -4.50
C SER B 85 15.64 -7.45 -4.80
N ASP B 86 16.74 -6.79 -5.12
CA ASP B 86 18.02 -7.47 -5.34
C ASP B 86 18.55 -8.03 -4.02
N GLY B 87 19.05 -9.26 -4.07
CA GLY B 87 19.54 -9.92 -2.87
C GLY B 87 18.45 -10.70 -2.18
N VAL B 88 18.81 -11.43 -1.12
CA VAL B 88 17.86 -12.25 -0.38
C VAL B 88 17.04 -11.40 0.58
N THR B 89 15.82 -11.85 0.88
CA THR B 89 14.97 -11.15 1.82
C THR B 89 15.33 -11.52 3.26
N ASN B 90 16.27 -10.76 3.83
CA ASN B 90 16.67 -10.95 5.22
C ASN B 90 16.53 -9.64 5.99
N TRP B 91 16.62 -9.71 7.31
CA TRP B 91 16.49 -8.51 8.14
C TRP B 91 17.61 -7.51 7.89
N GLY B 92 18.79 -8.03 7.59
CA GLY B 92 19.95 -7.19 7.33
C GLY B 92 19.78 -6.24 6.15
N ARG B 93 19.02 -6.67 5.15
CA ARG B 93 18.76 -5.82 3.99
C ARG B 93 17.78 -4.70 4.36
N ILE B 94 16.85 -5.01 5.26
CA ILE B 94 15.91 -4.01 5.75
C ILE B 94 16.65 -2.96 6.56
N VAL B 95 17.54 -3.44 7.43
CA VAL B 95 18.42 -2.57 8.20
C VAL B 95 19.27 -1.72 7.26
N THR B 96 19.67 -2.31 6.13
CA THR B 96 20.45 -1.59 5.13
C THR B 96 19.64 -0.46 4.51
N LEU B 97 18.40 -0.77 4.15
CA LEU B 97 17.49 0.22 3.60
C LEU B 97 17.29 1.39 4.56
N ILE B 98 17.04 1.06 5.82
CA ILE B 98 16.78 2.11 6.83
C ILE B 98 18.03 2.95 7.12
N SER B 99 19.19 2.29 7.18
CA SER B 99 20.45 2.99 7.46
C SER B 99 20.82 3.93 6.32
N PHE B 100 20.75 3.42 5.10
CA PHE B 100 21.03 4.24 3.94
C PHE B 100 20.06 5.40 3.88
N GLY B 101 18.77 5.10 4.04
CA GLY B 101 17.73 6.13 4.10
C GLY B 101 18.04 7.19 5.15
N ALA B 102 18.69 6.77 6.23
CA ALA B 102 19.09 7.69 7.28
C ALA B 102 20.22 8.60 6.82
N PHE B 103 21.16 8.04 6.07
CA PHE B 103 22.26 8.85 5.53
C PHE B 103 21.76 9.86 4.49
N VAL B 104 20.86 9.39 3.61
CA VAL B 104 20.21 10.24 2.62
C VAL B 104 19.44 11.35 3.33
N ALA B 105 18.87 11.00 4.47
CA ALA B 105 18.18 11.98 5.31
C ALA B 105 19.14 13.02 5.86
N LYS B 106 20.33 12.58 6.27
CA LYS B 106 21.38 13.49 6.73
C LYS B 106 21.71 14.51 5.65
N HIS B 107 21.88 14.00 4.43
CA HIS B 107 22.16 14.87 3.28
C HIS B 107 21.13 16.00 3.16
N LEU B 108 19.87 15.67 3.43
CA LEU B 108 18.79 16.65 3.35
C LEU B 108 18.75 17.53 4.59
N LYS B 109 19.34 17.05 5.69
CA LYS B 109 19.42 17.82 6.91
C LYS B 109 20.53 18.84 6.80
N THR B 110 21.40 18.64 5.81
CA THR B 110 22.47 19.59 5.53
C THR B 110 22.13 20.56 4.40
N ILE B 111 21.59 20.03 3.30
CA ILE B 111 21.29 20.87 2.13
C ILE B 111 19.86 21.40 2.10
N ASN B 112 19.05 20.99 3.07
CA ASN B 112 17.65 21.41 3.17
C ASN B 112 16.86 21.12 1.90
N GLU B 114 15.60 19.42 5.71
CA GLU B 114 14.73 18.89 6.74
C GLU B 114 13.31 18.73 6.20
N SER B 115 13.05 19.33 5.05
CA SER B 115 11.72 19.36 4.47
C SER B 115 11.37 18.06 3.76
N CYS B 116 12.38 17.30 3.37
CA CYS B 116 12.17 16.13 2.52
C CYS B 116 12.39 14.81 3.25
N ILE B 117 12.63 14.89 4.55
CA ILE B 117 12.94 13.69 5.33
C ILE B 117 11.71 12.79 5.50
N GLU B 118 10.59 13.39 5.88
CA GLU B 118 9.36 12.64 6.13
C GLU B 118 8.79 11.94 4.90
N PRO B 119 8.73 12.64 3.74
CA PRO B 119 8.25 11.89 2.57
C PRO B 119 9.17 10.74 2.18
N LEU B 120 10.47 10.91 2.43
CA LEU B 120 11.44 9.86 2.23
C LEU B 120 11.13 8.67 3.13
N ALA B 121 10.85 8.95 4.40
CA ALA B 121 10.51 7.91 5.37
C ALA B 121 9.25 7.16 4.93
N GLU B 122 8.29 7.93 4.41
CA GLU B 122 7.07 7.36 3.89
C GLU B 122 7.33 6.45 2.69
N SER B 123 8.28 6.85 1.84
CA SER B 123 8.64 6.05 0.67
C SER B 123 9.28 4.74 1.09
N ILE B 124 10.26 4.84 1.98
CA ILE B 124 10.94 3.69 2.55
C ILE B 124 9.93 2.69 3.13
N THR B 125 9.07 3.20 3.99
CA THR B 125 8.03 2.40 4.62
C THR B 125 7.11 1.76 3.58
N ASP B 126 6.76 2.53 2.56
CA ASP B 126 5.87 2.04 1.53
C ASP B 126 6.49 0.85 0.81
N VAL B 127 7.70 1.03 0.29
CA VAL B 127 8.43 -0.03 -0.39
C VAL B 127 8.57 -1.27 0.50
N LEU B 128 8.98 -1.05 1.74
CA LEU B 128 9.21 -2.16 2.65
C LEU B 128 7.94 -2.96 2.92
N VAL B 129 6.89 -2.27 3.37
CA VAL B 129 5.67 -2.94 3.79
C VAL B 129 4.85 -3.46 2.59
N ARG B 130 5.15 -2.98 1.39
CA ARG B 130 4.46 -3.51 0.21
C ARG B 130 5.19 -4.71 -0.40
N THR B 131 6.50 -4.58 -0.61
CA THR B 131 7.27 -5.64 -1.25
C THR B 131 7.46 -6.85 -0.35
N LYS B 132 7.65 -6.60 0.93
CA LYS B 132 7.90 -7.67 1.89
C LYS B 132 6.78 -7.79 2.92
N ARG B 133 5.54 -7.59 2.48
CA ARG B 133 4.39 -7.60 3.38
C ARG B 133 4.26 -8.91 4.16
N ASP B 134 4.10 -10.02 3.44
CA ASP B 134 3.83 -11.30 4.08
C ASP B 134 5.01 -11.80 4.93
N TRP B 135 6.21 -11.45 4.50
CA TRP B 135 7.41 -11.81 5.25
C TRP B 135 7.45 -11.02 6.56
N LEU B 136 6.88 -9.82 6.54
CA LEU B 136 6.85 -8.96 7.73
C LEU B 136 5.68 -9.28 8.66
N VAL B 137 4.59 -9.81 8.12
CA VAL B 137 3.50 -10.27 8.98
C VAL B 137 3.88 -11.63 9.55
N LYS B 138 4.79 -12.30 8.85
CA LYS B 138 5.51 -13.41 9.47
C LYS B 138 6.61 -12.78 10.32
N GLN B 139 7.40 -13.61 11.01
CA GLN B 139 8.45 -13.13 11.91
C GLN B 139 7.92 -12.20 13.02
N ARG B 140 6.60 -12.15 13.18
CA ARG B 140 5.95 -11.29 14.16
C ARG B 140 6.37 -9.82 14.05
N GLY B 141 6.81 -9.41 12.86
CA GLY B 141 7.17 -8.03 12.61
C GLY B 141 8.37 -7.50 13.38
N TRP B 142 8.18 -6.33 14.00
CA TRP B 142 9.27 -5.66 14.70
C TRP B 142 9.65 -6.42 15.96
N ASP B 143 8.72 -7.22 16.47
CA ASP B 143 9.03 -8.14 17.57
C ASP B 143 10.15 -9.07 17.17
N GLY B 144 10.00 -9.69 16.00
CA GLY B 144 11.04 -10.55 15.46
C GLY B 144 12.26 -9.78 15.02
N PHE B 145 12.07 -8.52 14.66
CA PHE B 145 13.20 -7.65 14.33
C PHE B 145 14.11 -7.50 15.55
N VAL B 146 13.50 -7.27 16.72
CA VAL B 146 14.27 -7.13 17.94
C VAL B 146 14.81 -8.49 18.39
N GLU B 147 14.03 -9.54 18.17
CA GLU B 147 14.47 -10.89 18.53
C GLU B 147 15.68 -11.34 17.73
N PHE B 148 15.81 -10.81 16.51
CA PHE B 148 16.93 -11.16 15.64
C PHE B 148 18.24 -10.65 16.21
N PHE B 149 18.26 -9.40 16.68
CA PHE B 149 19.48 -8.79 17.17
C PHE B 149 19.50 -8.70 18.70
N HIS B 150 19.07 -9.78 19.36
CA HIS B 150 19.05 -9.80 20.81
C HIS B 150 20.47 -9.79 21.37
N VAL B 151 20.69 -8.94 22.37
CA VAL B 151 21.99 -8.82 23.06
C VAL B 151 23.13 -8.58 22.08
N1 YO0 C . -25.46 8.45 -3.04
N3 YO0 C . -21.61 5.86 -1.72
C4 YO0 C . -22.53 12.23 -4.66
C5 YO0 C . -23.49 11.57 -5.42
C6 YO0 C . -23.99 12.16 -6.61
C7 YO0 C . -23.42 9.79 -3.84
C8 YO0 C . -24.19 8.52 -3.49
C10 YO0 C . -23.70 7.15 -3.57
C13 YO0 C . -22.31 6.67 -4.02
C15 YO0 C . -20.17 5.63 -3.40
C17 YO0 C . -20.58 6.31 -5.71
C20 YO0 C . -19.56 5.10 -2.19
C21 YO0 C . -20.55 4.98 0.25
C22 YO0 C . -18.14 4.49 -2.12
C24 YO0 C . -15.91 5.77 -2.73
C26 YO0 C . -15.06 5.48 -6.27
C28 YO0 C . -14.31 7.65 -7.10
C1 YO0 C . -23.50 13.40 -7.03
C2 YO0 C . -22.53 14.06 -6.27
C3 YO0 C . -22.04 13.49 -5.07
O1 YO0 C . -24.00 10.30 -5.00
N2 YO0 C . -25.82 7.17 -2.83
C9 YO0 C . -24.82 6.32 -3.12
C11 YO0 C . -24.84 4.78 -3.01
C12 YO0 C . -27.13 6.76 -2.35
C14 YO0 C . -21.44 6.08 -3.04
C16 YO0 C . -19.73 5.75 -4.76
C18 YO0 C . -21.89 6.78 -5.33
C19 YO0 C . -20.53 5.29 -1.16
C23 YO0 C . -17.09 5.57 -1.73
O2 YO0 C . -16.31 5.36 -4.10
C25 YO0 C . -15.62 6.13 -5.14
C27 YO0 C . -14.40 6.23 -7.24
C29 YO0 C . -14.85 8.28 -5.99
C30 YO0 C . -15.51 7.53 -5.01
C31 YO0 C . -15.16 4.05 -6.42
C32 YO0 C . -14.60 3.43 -7.54
C33 YO0 C . -13.95 4.18 -8.52
C34 YO0 C . -13.85 5.59 -8.38
C35 YO0 C . -19.41 4.13 0.82
O3 YO0 C . -18.23 4.65 1.17
#